data_5Q1Z
#
_entry.id   5Q1Z
#
_cell.length_a   52.098
_cell.length_b   56.829
_cell.length_c   115.157
_cell.angle_alpha   90.000
_cell.angle_beta   90.000
_cell.angle_gamma   90.000
#
_symmetry.space_group_name_H-M   'P 21 21 21'
#
loop_
_entity.id
_entity.type
_entity.pdbx_description
1 polymer 'DNA cross-link repair 1A protein'
2 non-polymer 'MALONATE ION'
3 non-polymer 'NICKEL (II) ION'
4 non-polymer 2-[(4-chlorophenyl)amino]benzamide
5 water water
#
_entity_poly.entity_id   1
_entity_poly.type   'polypeptide(L)'
_entity_poly.pdbx_seq_one_letter_code
;KKTCPFYKKIPGTGFTVDAFQYGVVEGCTAYFLTHFHSDHYAGLSKHFTFPVYCSEITGNLLKNKLHVQEQYIHPLPLDT
ECIVNGVKVVLLDANHCPGAVMILFYLPNGTVILHTGDFRADPSMERSLLADQKVHMLYLDTTYCSPEYTFPSQQEVIRF
AINTAFEAVTLNPHALVVCGTYSIGKEKVFLAIADVLGSKVGMSQEKYKTLQCLNIPEINSLITTDMCSSLVHLLPMMQI
NFKGLQSHLKKCGGKYNQILAFRPTGWTHSNKFTRIADVIPQTKGNISIYGIPYSEHSSYLEMKRFVQWLKPQKIIPTVN
VGTWKSRSTMEKYFREWKLEAGY
;
_entity_poly.pdbx_strand_id   A
#
# COMPACT_ATOMS: atom_id res chain seq x y z
N THR A 3 23.81 -9.29 -3.38
CA THR A 3 24.41 -8.04 -2.79
C THR A 3 23.34 -6.99 -2.48
N CYS A 4 23.28 -6.59 -1.21
CA CYS A 4 22.30 -5.60 -0.76
C CYS A 4 22.62 -4.22 -1.32
N PRO A 5 21.64 -3.55 -1.97
CA PRO A 5 21.91 -2.21 -2.50
C PRO A 5 22.03 -1.15 -1.41
N PHE A 6 22.80 -0.10 -1.71
CA PHE A 6 23.10 0.96 -0.73
C PHE A 6 21.84 1.63 -0.17
N TYR A 7 20.83 1.80 -1.01
CA TYR A 7 19.57 2.47 -0.62
C TYR A 7 18.68 1.68 0.35
N LYS A 8 19.06 0.44 0.69
CA LYS A 8 18.41 -0.34 1.76
C LYS A 8 19.24 -0.44 3.06
N LYS A 9 20.36 0.28 3.11
CA LYS A 9 21.20 0.32 4.30
C LYS A 9 21.06 1.67 4.99
N ILE A 10 21.07 1.68 6.32
CA ILE A 10 20.97 2.91 7.12
C ILE A 10 22.37 3.22 7.70
N PRO A 11 23.06 4.25 7.14
CA PRO A 11 24.47 4.47 7.49
C PRO A 11 24.65 4.84 8.96
N GLY A 12 25.75 4.37 9.56
CA GLY A 12 26.02 4.61 10.98
C GLY A 12 25.23 3.74 11.93
N THR A 13 24.59 2.69 11.41
CA THR A 13 23.84 1.73 12.24
C THR A 13 24.12 0.30 11.78
N GLY A 14 23.58 -0.65 12.55
CA GLY A 14 23.52 -2.05 12.14
C GLY A 14 22.21 -2.41 11.47
N PHE A 15 21.54 -1.45 10.83
CA PHE A 15 20.17 -1.69 10.33
C PHE A 15 20.05 -1.75 8.80
N THR A 16 19.15 -2.61 8.31
CA THR A 16 18.69 -2.59 6.92
C THR A 16 17.17 -2.45 6.91
N VAL A 17 16.64 -2.02 5.77
CA VAL A 17 15.21 -1.87 5.55
C VAL A 17 14.79 -2.68 4.31
N ASP A 18 13.85 -3.60 4.50
CA ASP A 18 13.25 -4.38 3.41
C ASP A 18 14.30 -5.15 2.58
N ALA A 19 15.21 -5.79 3.31
CA ALA A 19 16.42 -6.40 2.75
C ALA A 19 16.57 -7.86 3.17
N PHE A 20 15.64 -8.69 2.70
CA PHE A 20 15.54 -10.09 3.12
C PHE A 20 15.94 -11.10 2.03
N GLN A 21 16.30 -10.61 0.84
CA GLN A 21 16.59 -11.49 -0.32
C GLN A 21 18.09 -11.58 -0.68
N TYR A 22 18.96 -11.17 0.26
CA TYR A 22 20.39 -11.05 0.01
C TYR A 22 21.22 -12.00 0.88
N GLY A 23 20.57 -13.01 1.49
CA GLY A 23 21.20 -13.82 2.53
C GLY A 23 21.58 -13.00 3.76
N VAL A 24 22.64 -13.42 4.44
CA VAL A 24 23.13 -12.72 5.63
C VAL A 24 23.85 -11.44 5.19
N VAL A 25 23.33 -10.29 5.58
CA VAL A 25 23.92 -8.99 5.24
C VAL A 25 24.99 -8.67 6.28
N GLU A 26 26.23 -8.42 5.83
CA GLU A 26 27.37 -8.22 6.74
C GLU A 26 27.17 -6.99 7.63
N GLY A 27 27.24 -7.20 8.94
CA GLY A 27 27.09 -6.13 9.92
C GLY A 27 25.65 -5.82 10.34
N CYS A 28 24.66 -6.48 9.76
CA CYS A 28 23.26 -6.19 10.08
C CYS A 28 22.85 -6.91 11.37
N THR A 29 22.52 -6.14 12.40
CA THR A 29 22.06 -6.66 13.69
C THR A 29 20.52 -6.67 13.87
N ALA A 30 19.82 -5.91 13.02
CA ALA A 30 18.34 -5.84 13.04
C ALA A 30 17.85 -5.55 11.62
N TYR A 31 16.88 -6.37 11.15
CA TYR A 31 16.23 -6.21 9.84
C TYR A 31 14.84 -5.58 10.03
N PHE A 32 14.64 -4.38 9.50
CA PHE A 32 13.30 -3.75 9.57
C PHE A 32 12.48 -4.16 8.35
N LEU A 33 11.16 -4.37 8.56
CA LEU A 33 10.20 -4.61 7.47
C LEU A 33 9.07 -3.54 7.53
N THR A 34 8.99 -2.71 6.49
CA THR A 34 8.03 -1.58 6.47
C THR A 34 6.57 -2.03 6.32
N HIS A 35 6.33 -3.09 5.53
CA HIS A 35 4.98 -3.58 5.25
C HIS A 35 5.00 -4.96 4.60
N PHE A 36 3.85 -5.66 4.69
CA PHE A 36 3.71 -7.02 4.14
C PHE A 36 3.26 -7.03 2.65
N HIS A 37 4.15 -6.55 1.77
CA HIS A 37 4.02 -6.74 0.33
C HIS A 37 5.24 -7.55 -0.15
N SER A 38 5.02 -8.48 -1.10
CA SER A 38 6.03 -9.48 -1.44
C SER A 38 7.35 -8.93 -1.99
N ASP A 39 7.32 -7.83 -2.75
CA ASP A 39 8.60 -7.23 -3.22
C ASP A 39 9.48 -6.78 -2.04
N HIS A 40 8.86 -6.48 -0.89
CA HIS A 40 9.55 -5.99 0.30
C HIS A 40 9.94 -7.08 1.29
N TYR A 41 9.07 -8.08 1.46
CA TYR A 41 9.40 -9.24 2.32
C TYR A 41 10.15 -10.37 1.61
N ALA A 42 10.31 -10.30 0.29
CA ALA A 42 11.00 -11.36 -0.51
C ALA A 42 12.23 -11.90 0.19
N GLY A 43 12.23 -13.21 0.45
CA GLY A 43 13.31 -13.89 1.17
C GLY A 43 12.96 -14.38 2.57
N LEU A 44 12.03 -13.71 3.24
CA LEU A 44 11.53 -14.14 4.56
C LEU A 44 10.75 -15.45 4.42
N SER A 45 10.95 -16.35 5.38
CA SER A 45 10.28 -17.64 5.40
C SER A 45 10.29 -18.19 6.83
N LYS A 46 9.69 -19.36 7.03
CA LYS A 46 9.68 -19.95 8.37
C LYS A 46 11.09 -20.24 8.95
N HIS A 47 12.12 -20.30 8.11
CA HIS A 47 13.49 -20.63 8.56
C HIS A 47 14.40 -19.40 8.84
N PHE A 48 13.84 -18.20 8.87
CA PHE A 48 14.60 -16.96 9.17
C PHE A 48 14.96 -16.88 10.65
N THR A 49 16.24 -16.64 10.95
CA THR A 49 16.78 -16.69 12.33
C THR A 49 17.48 -15.40 12.83
N PHE A 50 17.07 -14.24 12.34
CA PHE A 50 17.55 -12.93 12.82
C PHE A 50 16.38 -12.07 13.28
N PRO A 51 16.63 -11.03 14.12
CA PRO A 51 15.53 -10.22 14.62
C PRO A 51 14.89 -9.34 13.53
N VAL A 52 13.55 -9.36 13.49
CA VAL A 52 12.75 -8.55 12.56
C VAL A 52 11.94 -7.54 13.34
N TYR A 53 12.06 -6.27 12.97
CA TYR A 53 11.32 -5.18 13.62
C TYR A 53 10.29 -4.64 12.64
N CYS A 54 9.07 -4.45 13.15
CA CYS A 54 7.89 -4.14 12.31
C CYS A 54 6.71 -3.67 13.15
N SER A 55 5.59 -3.32 12.50
CA SER A 55 4.33 -3.04 13.20
C SER A 55 3.68 -4.33 13.75
N GLU A 56 2.75 -4.15 14.67
CA GLU A 56 1.93 -5.27 15.19
C GLU A 56 1.23 -6.03 14.04
N ILE A 57 0.59 -5.28 13.13
CA ILE A 57 -0.16 -5.92 12.03
C ILE A 57 0.80 -6.73 11.12
N THR A 58 1.94 -6.14 10.75
CA THR A 58 2.94 -6.86 9.95
C THR A 58 3.42 -8.11 10.68
N GLY A 59 3.63 -7.98 11.99
CA GLY A 59 4.01 -9.12 12.81
C GLY A 59 2.98 -10.26 12.81
N ASN A 60 1.68 -9.92 12.83
CA ASN A 60 0.61 -10.95 12.77
C ASN A 60 0.70 -11.73 11.46
N LEU A 61 0.95 -11.02 10.36
CA LEU A 61 1.07 -11.67 9.04
C LEU A 61 2.32 -12.54 8.91
N LEU A 62 3.45 -12.05 9.43
CA LEU A 62 4.69 -12.87 9.45
C LEU A 62 4.51 -14.22 10.18
N LYS A 63 3.87 -14.17 11.34
CA LYS A 63 3.63 -15.38 12.15
C LYS A 63 2.66 -16.32 11.45
N ASN A 64 1.52 -15.78 10.99
CA ASN A 64 0.42 -16.64 10.53
C ASN A 64 0.51 -17.04 9.04
N LYS A 65 1.01 -16.15 8.19
CA LYS A 65 1.08 -16.40 6.74
C LYS A 65 2.44 -16.96 6.28
N LEU A 66 3.55 -16.41 6.78
CA LEU A 66 4.91 -16.90 6.43
C LEU A 66 5.51 -17.91 7.41
N HIS A 67 4.86 -18.06 8.56
N HIS A 67 4.87 -18.06 8.57
CA HIS A 67 5.27 -18.95 9.66
CA HIS A 67 5.26 -19.03 9.59
C HIS A 67 6.62 -18.67 10.28
C HIS A 67 6.61 -18.69 10.27
N VAL A 68 6.95 -17.38 10.38
CA VAL A 68 8.18 -16.95 11.05
C VAL A 68 7.98 -17.22 12.56
N GLN A 69 9.02 -17.75 13.22
CA GLN A 69 8.89 -18.08 14.64
C GLN A 69 8.76 -16.82 15.45
N GLU A 70 7.93 -16.92 16.48
CA GLU A 70 7.57 -15.79 17.35
C GLU A 70 8.77 -15.15 18.04
N GLN A 71 9.78 -15.95 18.38
CA GLN A 71 11.00 -15.43 19.04
C GLN A 71 11.78 -14.39 18.21
N TYR A 72 11.63 -14.40 16.88
CA TYR A 72 12.34 -13.46 16.01
C TYR A 72 11.50 -12.24 15.58
N ILE A 73 10.22 -12.18 15.99
CA ILE A 73 9.33 -11.08 15.60
C ILE A 73 9.27 -10.04 16.73
N HIS A 74 9.67 -8.81 16.41
CA HIS A 74 9.70 -7.68 17.35
C HIS A 74 8.73 -6.55 16.95
N PRO A 75 7.45 -6.67 17.33
CA PRO A 75 6.50 -5.60 16.99
C PRO A 75 6.70 -4.35 17.85
N LEU A 76 6.51 -3.18 17.24
CA LEU A 76 6.61 -1.91 17.94
C LEU A 76 5.33 -1.11 17.74
N PRO A 77 4.88 -0.40 18.80
CA PRO A 77 3.72 0.47 18.69
C PRO A 77 4.06 1.68 17.82
N LEU A 78 3.04 2.29 17.23
CA LEU A 78 3.20 3.51 16.43
C LEU A 78 3.32 4.74 17.32
N ASP A 79 3.92 5.81 16.78
CA ASP A 79 3.95 7.14 17.44
C ASP A 79 4.62 7.16 18.83
N THR A 80 5.60 6.27 19.03
CA THR A 80 6.21 6.00 20.33
C THR A 80 7.73 5.89 20.16
N GLU A 81 8.49 6.66 20.94
CA GLU A 81 9.96 6.55 20.94
C GLU A 81 10.36 5.21 21.55
N CYS A 82 11.10 4.41 20.78
CA CYS A 82 11.59 3.09 21.20
C CYS A 82 13.11 3.03 20.97
N ILE A 83 13.81 2.27 21.82
CA ILE A 83 15.26 2.06 21.65
C ILE A 83 15.50 0.63 21.12
N VAL A 84 16.20 0.55 19.98
CA VAL A 84 16.54 -0.71 19.32
C VAL A 84 18.06 -0.76 19.15
N ASN A 85 18.71 -1.76 19.74
CA ASN A 85 20.19 -1.90 19.71
C ASN A 85 20.91 -0.58 19.93
N GLY A 86 20.44 0.16 20.93
CA GLY A 86 21.04 1.43 21.31
C GLY A 86 20.70 2.66 20.50
N VAL A 87 19.73 2.57 19.59
CA VAL A 87 19.35 3.68 18.70
C VAL A 87 17.86 3.99 18.86
N LYS A 88 17.52 5.27 19.04
CA LYS A 88 16.10 5.70 19.14
C LYS A 88 15.42 5.64 17.75
N VAL A 89 14.26 4.98 17.71
CA VAL A 89 13.43 4.88 16.49
C VAL A 89 11.97 5.19 16.78
N VAL A 90 11.26 5.64 15.75
CA VAL A 90 9.78 5.82 15.80
C VAL A 90 9.17 5.24 14.52
N LEU A 91 8.08 4.50 14.66
CA LEU A 91 7.25 4.07 13.53
C LEU A 91 6.03 5.01 13.37
N LEU A 92 5.79 5.42 12.14
CA LEU A 92 4.69 6.33 11.77
C LEU A 92 3.78 5.68 10.71
N ASP A 93 2.48 5.92 10.76
CA ASP A 93 1.59 5.36 9.73
C ASP A 93 1.96 5.87 8.34
N ALA A 94 2.09 4.96 7.37
CA ALA A 94 2.49 5.33 6.00
C ALA A 94 1.31 5.66 5.05
N ASN A 95 0.08 5.48 5.51
CA ASN A 95 -1.10 5.64 4.64
C ASN A 95 -0.91 4.84 3.34
N HIS A 96 -0.49 3.57 3.50
CA HIS A 96 -0.31 2.61 2.38
C HIS A 96 -1.37 1.50 2.60
N CYS A 97 -0.93 0.26 2.86
CA CYS A 97 -1.78 -0.89 3.20
C CYS A 97 -1.81 -1.09 4.73
N PRO A 98 -2.70 -1.97 5.24
CA PRO A 98 -2.71 -2.13 6.70
C PRO A 98 -1.34 -2.58 7.26
N GLY A 99 -0.96 -1.98 8.38
CA GLY A 99 0.34 -2.25 9.02
C GLY A 99 1.58 -1.58 8.43
N ALA A 100 1.42 -0.86 7.32
CA ALA A 100 2.55 -0.18 6.66
C ALA A 100 3.02 1.03 7.45
N VAL A 101 4.35 1.13 7.61
CA VAL A 101 4.97 2.22 8.36
C VAL A 101 6.10 2.93 7.63
N MET A 102 6.32 4.18 8.04
CA MET A 102 7.55 4.94 7.82
C MET A 102 8.39 4.80 9.11
N ILE A 103 9.71 4.87 8.98
CA ILE A 103 10.62 4.73 10.13
C ILE A 103 11.54 5.95 10.26
N LEU A 104 11.52 6.56 11.45
CA LEU A 104 12.42 7.66 11.82
C LEU A 104 13.57 7.08 12.63
N PHE A 105 14.80 7.30 12.18
CA PHE A 105 16.01 6.88 12.91
C PHE A 105 16.79 8.09 13.44
N TYR A 106 17.08 8.10 14.76
CA TYR A 106 17.82 9.19 15.39
C TYR A 106 19.24 8.66 15.63
N LEU A 107 20.19 9.00 14.75
CA LEU A 107 21.53 8.39 14.81
C LEU A 107 22.33 8.93 16.00
N PRO A 108 23.25 8.10 16.56
CA PRO A 108 24.08 8.55 17.67
C PRO A 108 24.80 9.88 17.43
N ASN A 109 25.23 10.13 16.19
CA ASN A 109 25.96 11.37 15.83
C ASN A 109 25.08 12.65 15.65
N GLY A 110 23.75 12.52 15.75
CA GLY A 110 22.82 13.67 15.66
C GLY A 110 22.07 13.77 14.35
N THR A 111 22.47 12.96 13.37
CA THR A 111 21.77 12.84 12.09
C THR A 111 20.39 12.17 12.31
N VAL A 112 19.41 12.59 11.53
CA VAL A 112 18.03 12.09 11.59
C VAL A 112 17.65 11.68 10.17
N ILE A 113 17.20 10.43 10.04
CA ILE A 113 16.83 9.83 8.76
C ILE A 113 15.37 9.38 8.79
N LEU A 114 14.61 9.74 7.75
CA LEU A 114 13.25 9.19 7.57
C LEU A 114 13.25 8.28 6.36
N HIS A 115 12.77 7.05 6.58
CA HIS A 115 12.55 6.06 5.51
C HIS A 115 11.03 5.93 5.32
N THR A 116 10.50 6.31 4.15
CA THR A 116 9.02 6.33 3.98
C THR A 116 8.40 4.94 3.77
N GLY A 117 9.23 3.94 3.51
CA GLY A 117 8.72 2.67 2.98
C GLY A 117 7.94 2.98 1.71
N ASP A 118 6.84 2.26 1.48
CA ASP A 118 5.80 2.69 0.51
C ASP A 118 4.80 3.59 1.25
N PHE A 119 4.42 4.73 0.66
CA PHE A 119 3.49 5.66 1.32
C PHE A 119 2.61 6.42 0.32
N ARG A 120 1.46 6.89 0.80
CA ARG A 120 0.68 7.90 0.09
C ARG A 120 0.70 9.19 0.95
N ALA A 121 1.54 10.15 0.55
CA ALA A 121 1.71 11.37 1.30
C ALA A 121 0.38 12.07 1.53
N ASP A 122 0.23 12.63 2.72
CA ASP A 122 -1.00 13.34 3.11
C ASP A 122 -0.67 14.55 4.00
N PRO A 123 -1.44 15.65 3.89
CA PRO A 123 -1.17 16.80 4.80
C PRO A 123 -1.26 16.46 6.29
N SER A 124 -2.01 15.41 6.68
CA SER A 124 -2.04 14.98 8.09
C SER A 124 -0.67 14.57 8.65
N MET A 125 0.25 14.13 7.79
CA MET A 125 1.62 13.82 8.21
C MET A 125 2.42 15.05 8.68
N GLU A 126 1.98 16.24 8.28
CA GLU A 126 2.61 17.49 8.68
C GLU A 126 2.37 17.80 10.18
N ARG A 127 1.44 17.06 10.83
CA ARG A 127 1.16 17.15 12.28
C ARG A 127 1.41 15.87 13.07
N SER A 128 2.22 14.98 12.50
CA SER A 128 2.75 13.85 13.22
C SER A 128 3.95 14.33 14.06
N LEU A 129 4.65 13.37 14.67
CA LEU A 129 5.96 13.63 15.27
C LEU A 129 7.04 14.17 14.31
N LEU A 130 6.81 14.18 12.98
CA LEU A 130 7.70 14.87 12.03
C LEU A 130 7.75 16.38 12.19
N ALA A 131 6.72 16.97 12.79
CA ALA A 131 6.63 18.43 12.92
C ALA A 131 7.78 19.04 13.72
N ASP A 132 8.20 18.33 14.77
CA ASP A 132 9.28 18.76 15.67
C ASP A 132 10.57 19.15 14.97
N GLN A 133 11.25 18.14 14.43
CA GLN A 133 12.67 18.25 14.18
C GLN A 133 13.04 18.09 12.70
N LYS A 134 14.29 18.44 12.48
CA LYS A 134 14.92 18.47 11.20
C LYS A 134 15.23 17.04 10.77
N VAL A 135 15.08 16.76 9.47
CA VAL A 135 15.44 15.47 8.86
C VAL A 135 16.56 15.72 7.86
N HIS A 136 17.67 15.02 8.04
CA HIS A 136 18.85 15.20 7.16
C HIS A 136 18.76 14.39 5.90
N MET A 137 18.30 13.14 6.00
CA MET A 137 18.19 12.26 4.84
C MET A 137 16.79 11.65 4.74
N LEU A 138 16.25 11.65 3.52
CA LEU A 138 14.91 11.10 3.22
C LEU A 138 15.05 9.97 2.18
N TYR A 139 14.71 8.74 2.59
CA TYR A 139 14.66 7.58 1.67
C TYR A 139 13.21 7.49 1.18
N LEU A 140 13.00 7.90 -0.07
CA LEU A 140 11.67 8.29 -0.59
C LEU A 140 11.05 7.31 -1.59
N ASP A 141 9.79 6.93 -1.34
CA ASP A 141 8.95 6.19 -2.31
C ASP A 141 8.61 7.11 -3.49
N THR A 142 9.37 6.94 -4.57
CA THR A 142 9.25 7.70 -5.80
C THR A 142 8.45 6.99 -6.92
N THR A 143 7.56 6.05 -6.56
CA THR A 143 6.78 5.25 -7.56
C THR A 143 6.22 6.13 -8.69
N TYR A 144 5.52 7.22 -8.31
CA TYR A 144 4.87 8.11 -9.29
C TYR A 144 5.47 9.52 -9.36
N CYS A 145 6.81 9.60 -9.33
CA CYS A 145 7.55 10.86 -9.41
C CYS A 145 7.67 11.40 -10.85
N SER A 146 6.53 11.82 -11.39
CA SER A 146 6.45 12.49 -12.70
C SER A 146 5.06 13.14 -12.82
N PRO A 147 4.98 14.37 -13.39
CA PRO A 147 3.69 15.10 -13.34
C PRO A 147 2.53 14.49 -14.10
N GLU A 148 2.78 13.55 -15.03
CA GLU A 148 1.67 12.85 -15.70
C GLU A 148 0.86 11.96 -14.74
N TYR A 149 1.46 11.59 -13.61
CA TYR A 149 0.78 10.74 -12.66
C TYR A 149 -0.19 11.54 -11.77
N THR A 150 -1.42 11.63 -12.25
CA THR A 150 -2.56 12.21 -11.53
C THR A 150 -3.58 11.09 -11.28
N PHE A 151 -4.27 11.18 -10.15
CA PHE A 151 -5.43 10.31 -9.87
C PHE A 151 -6.28 10.98 -8.76
N PRO A 152 -7.55 10.55 -8.61
CA PRO A 152 -8.44 11.19 -7.62
C PRO A 152 -8.12 10.80 -6.19
N SER A 153 -8.77 11.46 -5.24
CA SER A 153 -8.70 11.03 -3.85
C SER A 153 -9.32 9.63 -3.72
N GLN A 154 -8.90 8.92 -2.69
CA GLN A 154 -9.51 7.62 -2.36
C GLN A 154 -11.03 7.80 -2.07
N GLN A 155 -11.41 8.91 -1.41
CA GLN A 155 -12.83 9.17 -1.11
C GLN A 155 -13.68 9.28 -2.40
N GLU A 156 -13.19 10.02 -3.41
CA GLU A 156 -13.90 10.14 -4.72
C GLU A 156 -14.06 8.77 -5.42
N VAL A 157 -13.00 7.95 -5.38
CA VAL A 157 -13.03 6.63 -6.02
C VAL A 157 -14.04 5.70 -5.32
N ILE A 158 -14.07 5.75 -3.99
CA ILE A 158 -15.03 4.94 -3.20
C ILE A 158 -16.47 5.38 -3.46
N ARG A 159 -16.70 6.70 -3.53
CA ARG A 159 -18.04 7.22 -3.86
C ARG A 159 -18.53 6.67 -5.20
N PHE A 160 -17.66 6.70 -6.21
CA PHE A 160 -17.99 6.13 -7.53
C PHE A 160 -18.34 4.63 -7.45
N ALA A 161 -17.53 3.85 -6.73
CA ALA A 161 -17.78 2.39 -6.59
C ALA A 161 -19.10 2.08 -5.88
N ILE A 162 -19.35 2.74 -4.73
CA ILE A 162 -20.59 2.56 -3.95
C ILE A 162 -21.81 2.88 -4.83
N ASN A 163 -21.78 4.04 -5.48
CA ASN A 163 -22.93 4.49 -6.30
C ASN A 163 -23.19 3.54 -7.50
N THR A 164 -22.12 3.12 -8.17
CA THR A 164 -22.19 2.18 -9.29
C THR A 164 -22.79 0.83 -8.87
N ALA A 165 -22.29 0.29 -7.77
CA ALA A 165 -22.77 -0.98 -7.25
C ALA A 165 -24.22 -0.91 -6.76
N PHE A 166 -24.56 0.14 -6.01
CA PHE A 166 -25.92 0.24 -5.48
C PHE A 166 -26.93 0.37 -6.62
N GLU A 167 -26.60 1.18 -7.64
CA GLU A 167 -27.49 1.33 -8.81
C GLU A 167 -27.74 -0.01 -9.51
N ALA A 168 -26.65 -0.71 -9.82
CA ALA A 168 -26.73 -1.98 -10.58
C ALA A 168 -27.58 -3.04 -9.88
N VAL A 169 -27.38 -3.18 -8.56
CA VAL A 169 -28.03 -4.23 -7.80
C VAL A 169 -29.48 -3.86 -7.44
N THR A 170 -29.76 -2.57 -7.26
CA THR A 170 -31.15 -2.12 -7.08
C THR A 170 -31.97 -2.31 -8.38
N LEU A 171 -31.34 -2.06 -9.53
CA LEU A 171 -32.01 -2.34 -10.83
C LEU A 171 -32.22 -3.85 -11.07
N ASN A 172 -31.20 -4.66 -10.74
CA ASN A 172 -31.26 -6.13 -10.86
C ASN A 172 -30.80 -6.82 -9.56
N PRO A 173 -31.76 -7.17 -8.67
CA PRO A 173 -31.42 -7.90 -7.43
C PRO A 173 -30.69 -9.25 -7.59
N HIS A 174 -30.75 -9.83 -8.78
CA HIS A 174 -29.98 -11.03 -9.12
C HIS A 174 -28.60 -10.79 -9.73
N ALA A 175 -28.07 -9.56 -9.63
CA ALA A 175 -26.67 -9.29 -10.01
C ALA A 175 -25.73 -9.55 -8.84
N LEU A 176 -24.59 -10.19 -9.14
CA LEU A 176 -23.50 -10.44 -8.18
C LEU A 176 -22.42 -9.39 -8.38
N VAL A 177 -21.83 -8.90 -7.29
CA VAL A 177 -20.64 -8.02 -7.39
C VAL A 177 -19.39 -8.82 -7.03
N VAL A 178 -18.35 -8.67 -7.85
CA VAL A 178 -17.05 -9.33 -7.65
C VAL A 178 -15.94 -8.26 -7.59
N CYS A 179 -15.03 -8.40 -6.63
N CYS A 179 -15.04 -8.40 -6.62
CA CYS A 179 -13.86 -7.52 -6.48
CA CYS A 179 -13.86 -7.53 -6.51
C CYS A 179 -12.56 -8.34 -6.53
C CYS A 179 -12.61 -8.41 -6.63
N GLY A 180 -11.61 -7.92 -7.37
CA GLY A 180 -10.31 -8.57 -7.48
C GLY A 180 -9.31 -8.15 -6.40
N THR A 181 -8.45 -9.07 -5.98
CA THR A 181 -7.36 -8.81 -5.01
C THR A 181 -6.15 -9.75 -5.25
N TYR A 182 -4.93 -9.29 -4.97
CA TYR A 182 -3.71 -10.18 -5.03
C TYR A 182 -2.67 -9.95 -3.92
N SER A 183 -3.05 -9.13 -2.95
CA SER A 183 -2.19 -8.70 -1.85
C SER A 183 -3.09 -7.96 -0.86
N ILE A 184 -2.55 -7.64 0.31
CA ILE A 184 -3.25 -6.76 1.25
C ILE A 184 -3.23 -5.34 0.68
N GLY A 185 -4.07 -4.48 1.24
CA GLY A 185 -4.30 -3.13 0.73
C GLY A 185 -5.61 -3.00 -0.02
N LYS A 186 -6.16 -1.78 -0.02
CA LYS A 186 -7.36 -1.45 -0.82
C LYS A 186 -8.65 -2.16 -0.32
N GLU A 187 -8.64 -2.58 0.94
CA GLU A 187 -9.79 -3.28 1.54
C GLU A 187 -11.06 -2.39 1.55
N LYS A 188 -10.89 -1.07 1.61
CA LYS A 188 -12.05 -0.17 1.59
C LYS A 188 -12.97 -0.37 0.37
N VAL A 189 -12.40 -0.75 -0.77
CA VAL A 189 -13.19 -0.94 -1.99
C VAL A 189 -14.30 -1.98 -1.75
N PHE A 190 -13.92 -3.17 -1.31
CA PHE A 190 -14.91 -4.23 -1.12
C PHE A 190 -15.74 -4.06 0.17
N LEU A 191 -15.15 -3.50 1.22
CA LEU A 191 -15.92 -3.26 2.45
C LEU A 191 -17.03 -2.20 2.25
N ALA A 192 -16.71 -1.12 1.55
CA ALA A 192 -17.70 -0.06 1.32
C ALA A 192 -18.84 -0.53 0.40
N ILE A 193 -18.51 -1.30 -0.63
CA ILE A 193 -19.55 -1.86 -1.52
C ILE A 193 -20.44 -2.83 -0.74
N ALA A 194 -19.86 -3.74 0.03
CA ALA A 194 -20.69 -4.68 0.83
C ALA A 194 -21.64 -3.96 1.81
N ASP A 195 -21.12 -2.91 2.44
CA ASP A 195 -21.90 -2.14 3.44
C ASP A 195 -23.12 -1.50 2.75
N VAL A 196 -22.95 -0.91 1.57
CA VAL A 196 -24.10 -0.28 0.88
C VAL A 196 -25.15 -1.30 0.44
N LEU A 197 -24.72 -2.53 0.17
CA LEU A 197 -25.61 -3.63 -0.23
C LEU A 197 -26.17 -4.46 0.93
N GLY A 198 -25.81 -4.14 2.17
CA GLY A 198 -26.28 -4.88 3.33
C GLY A 198 -25.85 -6.34 3.35
N SER A 199 -24.60 -6.59 2.96
CA SER A 199 -24.04 -7.94 2.84
C SER A 199 -22.69 -8.05 3.54
N LYS A 200 -22.34 -9.26 3.98
CA LYS A 200 -20.94 -9.60 4.26
C LYS A 200 -20.21 -9.84 2.94
N VAL A 201 -18.88 -9.75 2.99
CA VAL A 201 -18.01 -10.08 1.87
C VAL A 201 -17.57 -11.54 1.97
N GLY A 202 -17.84 -12.33 0.93
CA GLY A 202 -17.49 -13.75 0.86
C GLY A 202 -16.17 -13.96 0.16
N MET A 203 -15.35 -14.91 0.65
CA MET A 203 -14.01 -15.14 0.12
C MET A 203 -13.48 -16.52 0.48
N SER A 204 -12.35 -16.91 -0.13
CA SER A 204 -11.64 -18.15 0.22
C SER A 204 -11.17 -18.18 1.68
N GLN A 205 -10.91 -19.39 2.16
CA GLN A 205 -10.31 -19.59 3.48
C GLN A 205 -8.95 -18.87 3.66
N GLU A 206 -8.11 -18.91 2.64
CA GLU A 206 -6.79 -18.25 2.67
C GLU A 206 -6.90 -16.74 2.78
N LYS A 207 -7.78 -16.14 1.97
CA LYS A 207 -7.98 -14.69 2.05
C LYS A 207 -8.65 -14.27 3.39
N TYR A 208 -9.60 -15.09 3.87
CA TYR A 208 -10.21 -14.85 5.18
C TYR A 208 -9.13 -14.82 6.30
N LYS A 209 -8.23 -15.80 6.29
CA LYS A 209 -7.08 -15.85 7.23
C LYS A 209 -6.27 -14.56 7.20
N THR A 210 -5.94 -14.11 5.99
CA THR A 210 -5.16 -12.87 5.83
C THR A 210 -5.87 -11.68 6.47
N LEU A 211 -7.15 -11.50 6.15
CA LEU A 211 -7.92 -10.38 6.70
C LEU A 211 -8.07 -10.43 8.23
N GLN A 212 -8.13 -11.64 8.80
CA GLN A 212 -8.20 -11.80 10.26
C GLN A 212 -6.91 -11.32 11.01
N CYS A 213 -5.79 -11.12 10.29
CA CYS A 213 -4.55 -10.57 10.87
C CYS A 213 -4.45 -9.02 10.93
N LEU A 214 -5.41 -8.30 10.37
CA LEU A 214 -5.28 -6.84 10.12
C LEU A 214 -5.82 -5.85 11.19
N ASN A 215 -6.30 -6.36 12.33
CA ASN A 215 -6.91 -5.53 13.40
C ASN A 215 -7.99 -4.53 12.93
N ILE A 216 -8.80 -4.94 11.96
CA ILE A 216 -9.91 -4.11 11.49
C ILE A 216 -11.05 -4.23 12.50
N PRO A 217 -11.54 -3.09 13.04
CA PRO A 217 -12.65 -3.15 14.01
C PRO A 217 -13.88 -3.89 13.48
N GLU A 218 -14.47 -4.71 14.35
CA GLU A 218 -15.71 -5.45 14.06
C GLU A 218 -15.62 -6.36 12.82
N ILE A 219 -14.42 -6.84 12.50
CA ILE A 219 -14.18 -7.64 11.28
C ILE A 219 -15.09 -8.87 11.17
N ASN A 220 -15.37 -9.55 12.28
CA ASN A 220 -16.24 -10.75 12.22
C ASN A 220 -17.65 -10.45 11.68
N SER A 221 -18.11 -9.22 11.88
CA SER A 221 -19.38 -8.75 11.33
C SER A 221 -19.36 -8.43 9.82
N LEU A 222 -18.17 -8.34 9.21
CA LEU A 222 -18.02 -7.84 7.82
C LEU A 222 -17.65 -8.88 6.74
N ILE A 223 -17.03 -10.00 7.11
CA ILE A 223 -16.49 -10.99 6.15
C ILE A 223 -16.91 -12.41 6.52
N THR A 224 -16.84 -13.31 5.55
CA THR A 224 -17.27 -14.70 5.71
C THR A 224 -16.64 -15.62 4.66
N THR A 225 -16.53 -16.91 4.99
CA THR A 225 -16.15 -17.96 4.02
C THR A 225 -17.39 -18.62 3.38
N ASP A 226 -18.58 -18.23 3.83
CA ASP A 226 -19.82 -18.80 3.26
C ASP A 226 -20.24 -17.98 2.04
N MET A 227 -19.80 -18.43 0.86
CA MET A 227 -20.02 -17.71 -0.39
C MET A 227 -21.53 -17.56 -0.67
N CYS A 228 -22.28 -18.62 -0.39
CA CYS A 228 -23.74 -18.66 -0.63
C CYS A 228 -24.53 -17.59 0.10
N SER A 229 -24.05 -17.17 1.27
CA SER A 229 -24.70 -16.14 2.08
C SER A 229 -24.43 -14.69 1.62
N SER A 230 -23.46 -14.49 0.72
CA SER A 230 -22.91 -13.16 0.42
C SER A 230 -23.22 -12.74 -1.03
N LEU A 231 -23.51 -11.46 -1.27
CA LEU A 231 -23.64 -10.97 -2.67
C LEU A 231 -22.50 -10.05 -3.14
N VAL A 232 -21.41 -10.04 -2.38
CA VAL A 232 -20.13 -9.46 -2.80
C VAL A 232 -19.06 -10.53 -2.60
N HIS A 233 -18.41 -10.95 -3.69
CA HIS A 233 -17.37 -11.98 -3.64
C HIS A 233 -15.99 -11.42 -4.01
N LEU A 234 -14.95 -11.91 -3.32
CA LEU A 234 -13.56 -11.65 -3.69
C LEU A 234 -13.01 -12.82 -4.47
N LEU A 235 -12.27 -12.50 -5.52
CA LEU A 235 -11.53 -13.49 -6.32
C LEU A 235 -10.11 -13.00 -6.57
N PRO A 236 -9.18 -13.92 -6.90
CA PRO A 236 -7.86 -13.49 -7.35
C PRO A 236 -7.94 -12.53 -8.52
N MET A 237 -7.06 -11.53 -8.52
CA MET A 237 -7.03 -10.49 -9.58
C MET A 237 -6.92 -11.11 -10.98
N MET A 238 -6.17 -12.20 -11.12
CA MET A 238 -6.01 -12.95 -12.38
C MET A 238 -7.30 -13.52 -12.97
N GLN A 239 -8.33 -13.69 -12.13
CA GLN A 239 -9.61 -14.19 -12.58
C GLN A 239 -10.59 -13.07 -13.03
N ILE A 240 -10.21 -11.79 -12.90
CA ILE A 240 -11.11 -10.70 -13.27
C ILE A 240 -10.95 -10.40 -14.77
N ASN A 241 -11.60 -11.26 -15.55
CA ASN A 241 -11.69 -11.18 -17.02
C ASN A 241 -12.93 -11.95 -17.44
N PHE A 242 -13.36 -11.82 -18.69
CA PHE A 242 -14.65 -12.40 -19.08
C PHE A 242 -14.69 -13.94 -18.88
N LYS A 243 -13.62 -14.63 -19.24
CA LYS A 243 -13.52 -16.09 -19.06
C LYS A 243 -13.62 -16.51 -17.59
N GLY A 244 -12.83 -15.86 -16.73
CA GLY A 244 -12.82 -16.19 -15.30
C GLY A 244 -14.13 -15.93 -14.58
N LEU A 245 -14.80 -14.84 -14.96
CA LEU A 245 -16.06 -14.43 -14.34
C LEU A 245 -17.24 -15.28 -14.84
N GLN A 246 -17.25 -15.64 -16.13
CA GLN A 246 -18.19 -16.65 -16.66
C GLN A 246 -18.12 -17.96 -15.87
N SER A 247 -16.89 -18.44 -15.65
CA SER A 247 -16.66 -19.65 -14.88
C SER A 247 -17.20 -19.56 -13.46
N HIS A 248 -16.96 -18.43 -12.81
CA HIS A 248 -17.47 -18.21 -11.46
C HIS A 248 -19.01 -18.18 -11.39
N LEU A 249 -19.65 -17.50 -12.35
CA LEU A 249 -21.11 -17.41 -12.41
C LEU A 249 -21.76 -18.80 -12.51
N LYS A 250 -21.16 -19.68 -13.30
CA LYS A 250 -21.60 -21.08 -13.40
C LYS A 250 -21.59 -21.81 -12.06
N LYS A 251 -20.53 -21.59 -11.26
CA LYS A 251 -20.41 -22.23 -9.95
C LYS A 251 -21.42 -21.75 -8.91
N CYS A 252 -22.08 -20.61 -9.14
CA CYS A 252 -23.08 -20.08 -8.17
C CYS A 252 -24.50 -20.68 -8.29
N GLY A 253 -24.68 -21.67 -9.16
CA GLY A 253 -25.88 -22.53 -9.16
C GLY A 253 -27.20 -21.85 -9.44
N GLY A 254 -27.20 -20.89 -10.36
CA GLY A 254 -28.42 -20.17 -10.75
C GLY A 254 -28.97 -19.16 -9.76
N LYS A 255 -28.18 -18.76 -8.78
CA LYS A 255 -28.55 -17.71 -7.85
C LYS A 255 -28.47 -16.33 -8.52
N TYR A 256 -27.56 -16.18 -9.49
CA TYR A 256 -27.31 -14.90 -10.15
C TYR A 256 -27.36 -15.00 -11.67
N ASN A 257 -27.66 -13.89 -12.33
CA ASN A 257 -27.75 -13.81 -13.81
C ASN A 257 -26.96 -12.65 -14.46
N GLN A 258 -26.13 -11.98 -13.66
CA GLN A 258 -25.30 -10.84 -14.11
C GLN A 258 -24.11 -10.69 -13.12
N ILE A 259 -22.94 -10.28 -13.62
CA ILE A 259 -21.80 -9.90 -12.76
C ILE A 259 -21.36 -8.47 -13.06
N LEU A 260 -21.22 -7.68 -11.99
CA LEU A 260 -20.53 -6.39 -12.01
C LEU A 260 -19.22 -6.62 -11.25
N ALA A 261 -18.07 -6.42 -11.92
CA ALA A 261 -16.76 -6.64 -11.32
C ALA A 261 -15.91 -5.37 -11.26
N PHE A 262 -15.06 -5.29 -10.23
CA PHE A 262 -14.11 -4.16 -10.07
C PHE A 262 -12.65 -4.66 -9.99
N ARG A 263 -11.76 -4.03 -10.77
CA ARG A 263 -10.29 -4.22 -10.70
C ARG A 263 -9.69 -2.92 -10.18
N PRO A 264 -9.31 -2.87 -8.89
CA PRO A 264 -8.58 -1.73 -8.41
C PRO A 264 -7.15 -1.86 -8.95
N THR A 265 -6.78 -0.90 -9.78
CA THR A 265 -5.43 -0.74 -10.28
C THR A 265 -4.78 0.44 -9.55
N GLY A 266 -3.52 0.69 -9.86
CA GLY A 266 -2.91 1.99 -9.59
C GLY A 266 -3.27 2.94 -10.72
N TRP A 267 -2.33 3.80 -11.08
CA TRP A 267 -2.45 4.62 -12.28
C TRP A 267 -2.49 3.74 -13.54
N THR A 268 -3.32 4.15 -14.50
CA THR A 268 -3.28 3.69 -15.89
C THR A 268 -3.35 4.93 -16.80
N HIS A 269 -2.86 4.81 -18.04
CA HIS A 269 -2.91 5.91 -19.03
C HIS A 269 -4.28 6.56 -19.27
N SER A 270 -5.38 5.83 -19.09
CA SER A 270 -6.71 6.44 -19.18
C SER A 270 -6.99 7.57 -18.13
N ASN A 271 -6.14 7.70 -17.11
CA ASN A 271 -6.15 8.86 -16.19
C ASN A 271 -5.80 10.18 -16.87
N LYS A 272 -4.96 10.12 -17.91
CA LYS A 272 -4.58 11.29 -18.71
C LYS A 272 -5.64 11.77 -19.71
N PHE A 273 -6.75 11.02 -19.84
CA PHE A 273 -7.89 11.41 -20.69
C PHE A 273 -9.19 11.61 -19.92
N THR A 274 -9.54 10.63 -19.08
CA THR A 274 -10.87 10.51 -18.50
C THR A 274 -10.91 10.93 -17.03
N ARG A 275 -11.99 11.60 -16.63
CA ARG A 275 -12.32 11.89 -15.22
C ARG A 275 -13.02 10.69 -14.57
N ILE A 276 -12.90 10.56 -13.25
CA ILE A 276 -13.51 9.44 -12.50
C ILE A 276 -15.03 9.33 -12.77
N ALA A 277 -15.73 10.46 -12.75
CA ALA A 277 -17.18 10.50 -13.03
C ALA A 277 -17.56 9.95 -14.42
N ASP A 278 -16.64 10.10 -15.39
CA ASP A 278 -16.86 9.64 -16.76
C ASP A 278 -16.45 8.18 -17.04
N VAL A 279 -15.92 7.45 -16.06
CA VAL A 279 -15.38 6.09 -16.27
C VAL A 279 -16.48 5.11 -16.68
N ILE A 280 -16.18 4.30 -17.70
CA ILE A 280 -17.11 3.29 -18.20
C ILE A 280 -16.48 1.90 -18.16
N PRO A 281 -17.31 0.84 -18.11
CA PRO A 281 -16.77 -0.51 -18.06
C PRO A 281 -16.50 -1.13 -19.44
N GLN A 282 -15.76 -2.23 -19.43
CA GLN A 282 -15.71 -3.19 -20.54
C GLN A 282 -16.83 -4.20 -20.33
N THR A 283 -17.62 -4.48 -21.37
CA THR A 283 -18.82 -5.32 -21.26
C THR A 283 -18.85 -6.43 -22.32
N LYS A 284 -19.24 -7.63 -21.89
CA LYS A 284 -19.50 -8.75 -22.80
C LYS A 284 -20.72 -9.52 -22.27
N GLY A 285 -21.83 -9.44 -22.98
CA GLY A 285 -23.08 -10.06 -22.54
C GLY A 285 -23.51 -9.54 -21.18
N ASN A 286 -23.66 -10.46 -20.22
CA ASN A 286 -24.13 -10.14 -18.86
C ASN A 286 -23.00 -9.87 -17.84
N ILE A 287 -21.80 -9.55 -18.32
CA ILE A 287 -20.64 -9.23 -17.47
C ILE A 287 -20.06 -7.86 -17.83
N SER A 288 -19.82 -7.05 -16.80
CA SER A 288 -19.19 -5.74 -16.92
C SER A 288 -18.05 -5.62 -15.93
N ILE A 289 -16.92 -5.06 -16.39
CA ILE A 289 -15.67 -4.91 -15.60
C ILE A 289 -15.21 -3.45 -15.58
N TYR A 290 -15.14 -2.86 -14.38
CA TYR A 290 -14.64 -1.51 -14.16
C TYR A 290 -13.21 -1.57 -13.64
N GLY A 291 -12.30 -0.84 -14.27
CA GLY A 291 -10.99 -0.55 -13.68
C GLY A 291 -11.10 0.77 -12.95
N ILE A 292 -10.80 0.77 -11.64
CA ILE A 292 -10.88 2.01 -10.87
C ILE A 292 -9.50 2.41 -10.30
N PRO A 293 -9.12 3.70 -10.41
CA PRO A 293 -7.77 4.15 -10.04
C PRO A 293 -7.62 4.42 -8.53
N TYR A 294 -7.69 3.35 -7.73
CA TYR A 294 -7.54 3.44 -6.27
C TYR A 294 -6.06 3.26 -5.93
N SER A 295 -5.36 4.37 -5.68
CA SER A 295 -3.93 4.37 -5.36
C SER A 295 -3.60 4.37 -3.86
N GLU A 296 -2.65 3.51 -3.47
CA GLU A 296 -2.01 3.59 -2.14
C GLU A 296 -0.56 4.12 -2.19
N HIS A 297 -0.21 4.82 -3.29
CA HIS A 297 1.04 5.58 -3.41
C HIS A 297 0.72 7.06 -3.68
N SER A 298 1.65 7.95 -3.28
CA SER A 298 1.53 9.39 -3.54
C SER A 298 1.35 9.69 -5.03
N SER A 299 0.41 10.58 -5.36
CA SER A 299 0.48 11.25 -6.66
C SER A 299 1.73 12.15 -6.74
N TYR A 300 2.07 12.62 -7.93
CA TYR A 300 3.18 13.58 -8.07
C TYR A 300 2.99 14.81 -7.17
N LEU A 301 1.79 15.41 -7.22
CA LEU A 301 1.52 16.63 -6.42
C LEU A 301 1.58 16.39 -4.90
N GLU A 302 1.08 15.23 -4.45
CA GLU A 302 1.12 14.88 -3.00
C GLU A 302 2.57 14.69 -2.52
N MET A 303 3.39 14.01 -3.34
CA MET A 303 4.82 13.81 -3.07
C MET A 303 5.59 15.13 -2.99
N LYS A 304 5.37 15.98 -4.02
CA LYS A 304 5.98 17.31 -4.07
C LYS A 304 5.64 18.17 -2.83
N ARG A 305 4.36 18.18 -2.43
CA ARG A 305 3.97 18.95 -1.24
C ARG A 305 4.72 18.48 0.03
N PHE A 306 4.71 17.16 0.24
CA PHE A 306 5.39 16.55 1.38
C PHE A 306 6.88 16.90 1.46
N VAL A 307 7.60 16.77 0.35
CA VAL A 307 9.03 17.05 0.33
C VAL A 307 9.32 18.54 0.53
N GLN A 308 8.52 19.41 -0.10
CA GLN A 308 8.72 20.88 0.05
C GLN A 308 8.40 21.34 1.46
N TRP A 309 7.50 20.62 2.16
CA TRP A 309 7.22 20.89 3.59
C TRP A 309 8.36 20.40 4.50
N LEU A 310 8.82 19.17 4.26
CA LEU A 310 9.86 18.55 5.11
C LEU A 310 11.24 19.21 4.96
N LYS A 311 11.58 19.66 3.74
CA LYS A 311 12.88 20.30 3.45
C LYS A 311 14.11 19.49 3.88
N PRO A 312 14.20 18.21 3.44
CA PRO A 312 15.37 17.39 3.79
C PRO A 312 16.64 17.90 3.14
N GLN A 313 17.80 17.63 3.76
CA GLN A 313 19.08 18.01 3.15
C GLN A 313 19.45 17.15 1.94
N LYS A 314 19.07 15.86 1.96
CA LYS A 314 19.38 14.92 0.87
C LYS A 314 18.21 13.95 0.68
N ILE A 315 17.90 13.64 -0.58
CA ILE A 315 16.88 12.66 -0.94
C ILE A 315 17.53 11.47 -1.66
N ILE A 316 17.15 10.26 -1.21
CA ILE A 316 17.58 9.00 -1.81
C ILE A 316 16.31 8.27 -2.30
N PRO A 317 16.10 8.24 -3.63
CA PRO A 317 14.96 7.46 -4.15
C PRO A 317 15.10 5.96 -3.91
N THR A 318 13.96 5.29 -3.65
CA THR A 318 13.93 3.84 -3.44
C THR A 318 13.15 3.06 -4.52
N VAL A 319 12.55 3.79 -5.48
CA VAL A 319 11.75 3.21 -6.56
C VAL A 319 12.16 3.91 -7.88
N ASN A 320 12.13 3.13 -8.95
CA ASN A 320 12.56 3.59 -10.29
C ASN A 320 14.06 3.93 -10.36
N VAL A 321 14.87 3.21 -9.58
CA VAL A 321 16.32 3.45 -9.55
C VAL A 321 17.12 2.63 -10.57
N GLY A 322 16.45 1.78 -11.34
CA GLY A 322 17.14 0.85 -12.24
C GLY A 322 17.60 1.40 -13.58
N THR A 323 17.10 2.57 -14.01
CA THR A 323 17.49 3.16 -15.29
C THR A 323 18.07 4.58 -15.12
N TRP A 324 19.03 4.93 -15.98
CA TRP A 324 19.63 6.27 -15.92
C TRP A 324 18.61 7.37 -16.26
N LYS A 325 17.71 7.07 -17.20
CA LYS A 325 16.65 7.99 -17.60
C LYS A 325 15.76 8.32 -16.41
N SER A 326 15.33 7.29 -15.67
CA SER A 326 14.48 7.49 -14.48
C SER A 326 15.20 8.31 -13.42
N ARG A 327 16.44 7.93 -13.14
CA ARG A 327 17.24 8.62 -12.13
C ARG A 327 17.45 10.09 -12.50
N SER A 328 17.76 10.39 -13.77
CA SER A 328 17.97 11.78 -14.20
C SER A 328 16.67 12.61 -14.14
N THR A 329 15.56 12.00 -14.54
CA THR A 329 14.23 12.64 -14.41
C THR A 329 13.90 13.03 -12.97
N MET A 330 14.09 12.11 -12.04
CA MET A 330 13.78 12.40 -10.64
C MET A 330 14.67 13.53 -10.07
N GLU A 331 15.97 13.47 -10.36
N GLU A 331 15.98 13.48 -10.34
CA GLU A 331 16.92 14.51 -9.93
CA GLU A 331 16.89 14.53 -9.86
C GLU A 331 16.54 15.92 -10.43
C GLU A 331 16.51 15.93 -10.41
N LYS A 332 16.04 16.00 -11.67
CA LYS A 332 15.58 17.30 -12.24
C LYS A 332 14.35 17.83 -11.49
N TYR A 333 13.40 16.97 -11.15
CA TYR A 333 12.25 17.38 -10.33
C TYR A 333 12.67 17.81 -8.92
N PHE A 334 13.60 17.09 -8.30
CA PHE A 334 14.05 17.47 -6.95
C PHE A 334 14.66 18.89 -6.98
N ARG A 335 15.48 19.18 -7.99
CA ARG A 335 16.09 20.52 -8.14
C ARG A 335 15.02 21.61 -8.34
N GLU A 336 14.03 21.35 -9.19
N GLU A 336 14.02 21.34 -9.17
CA GLU A 336 12.90 22.27 -9.37
CA GLU A 336 12.89 22.23 -9.39
C GLU A 336 12.23 22.56 -8.03
C GLU A 336 12.13 22.54 -8.09
N TRP A 337 11.90 21.50 -7.29
CA TRP A 337 11.20 21.65 -6.01
C TRP A 337 12.00 22.52 -5.02
N LYS A 338 13.31 22.29 -4.96
CA LYS A 338 14.21 23.05 -4.07
C LYS A 338 14.25 24.53 -4.45
N LEU A 339 14.35 24.81 -5.75
N LEU A 339 14.42 24.79 -5.75
CA LEU A 339 14.43 26.21 -6.24
CA LEU A 339 14.48 26.18 -6.26
C LEU A 339 13.13 27.01 -6.07
C LEU A 339 13.16 26.93 -5.97
N GLU A 340 11.98 26.32 -6.16
N GLU A 340 12.04 26.30 -6.33
CA GLU A 340 10.68 26.97 -5.90
CA GLU A 340 10.71 26.88 -6.14
C GLU A 340 10.56 27.34 -4.42
C GLU A 340 10.38 27.19 -4.66
N ALA A 341 10.76 26.35 -3.55
N ALA A 341 10.90 26.35 -3.75
CA ALA A 341 10.57 26.52 -2.10
CA ALA A 341 10.73 26.54 -2.30
C ALA A 341 11.77 27.17 -1.38
C ALA A 341 11.48 27.76 -1.75
N GLY A 342 12.90 27.32 -2.07
N GLY A 342 12.53 28.20 -2.45
CA GLY A 342 14.02 28.10 -1.55
CA GLY A 342 13.43 29.25 -1.96
C GLY A 342 14.87 27.49 -0.44
C GLY A 342 14.45 28.68 -0.97
N TYR A 343 14.81 26.18 -0.27
N TYR A 343 14.65 27.35 -1.03
CA TYR A 343 15.66 25.52 0.74
CA TYR A 343 15.53 26.63 -0.11
C TYR A 343 17.04 25.20 0.18
C TYR A 343 16.92 26.50 -0.73
#